data_3VAF
#
_entry.id   3VAF
#
_cell.length_a   164.296
_cell.length_b   36.981
_cell.length_c   99.431
_cell.angle_alpha   90.000
_cell.angle_beta   125.670
_cell.angle_gamma   90.000
#
_symmetry.space_group_name_H-M   'C 1 2 1'
#
loop_
_entity.id
_entity.type
_entity.pdbx_description
1 polymer 'Splicing factor U2AF 65 kDa subunit'
2 polymer "DNA 5'-D(*UP*UP*(BRU)P*(BRU)P*UP*UP*U)-3'"
3 non-polymer '1,4-DIETHYLENE DIOXIDE'
4 non-polymer 'SULFATE ION'
5 non-polymer GLYCEROL
6 non-polymer N,N-BIS(3-D-GLUCONAMIDOPROPYL)DEOXYCHOLAMIDE
7 water water
#
loop_
_entity_poly.entity_id
_entity_poly.type
_entity_poly.pdbx_seq_one_letter_code
_entity_poly.pdbx_strand_id
1 'polypeptide(L)'
;GPLGSARRLYVGNIPFGITEEAMMDFFNAQMRLGGLTQAPGNPVLAVQINQDKNFAFLEFRSVDETTQAMAFDGIIFQGQ
SLKIRRPHDYQPLPGAHKLFIGGLPNYLNDDQVKELLTSFGPLKAFNLVKDSATGLSKGYAFCEYVDINVTDQAIAGLNG
MQLGDKKLLVQRAS
;
A,B
2 'polydeoxyribonucleotide' (DU)(DU)(BRU)(BRU)(DU)(DU)(DU) P,E
#
# COMPACT_ATOMS: atom_id res chain seq x y z
N GLY A 1 -14.54 -3.19 18.67
CA GLY A 1 -15.74 -4.02 18.34
C GLY A 1 -16.98 -3.77 19.20
N PRO A 2 -17.25 -4.68 20.17
CA PRO A 2 -16.64 -6.00 20.37
C PRO A 2 -16.91 -6.99 19.22
N LEU A 3 -18.02 -6.80 18.51
CA LEU A 3 -18.43 -7.64 17.38
C LEU A 3 -18.28 -6.93 16.01
N GLY A 4 -17.95 -5.65 16.03
CA GLY A 4 -17.77 -4.90 14.78
C GLY A 4 -16.56 -5.34 13.98
N SER A 5 -16.56 -4.96 12.69
CA SER A 5 -15.42 -5.11 11.80
C SER A 5 -15.05 -6.57 11.61
N ALA A 6 -16.05 -7.46 11.63
CA ALA A 6 -15.78 -8.90 11.52
C ALA A 6 -15.51 -9.43 10.09
N ARG A 7 -15.95 -8.70 9.06
CA ARG A 7 -15.88 -9.20 7.67
C ARG A 7 -15.11 -8.29 6.71
N ARG A 8 -14.17 -7.54 7.25
CA ARG A 8 -13.37 -6.61 6.44
C ARG A 8 -11.90 -6.82 6.71
N LEU A 9 -11.07 -6.60 5.69
CA LEU A 9 -9.63 -6.66 5.83
C LEU A 9 -8.99 -5.39 5.23
N TYR A 10 -8.03 -4.82 5.96
CA TYR A 10 -7.13 -3.81 5.43
C TYR A 10 -6.08 -4.45 4.49
N VAL A 11 -5.92 -3.86 3.30
CA VAL A 11 -4.86 -4.30 2.38
C VAL A 11 -3.96 -3.11 2.09
N GLY A 12 -2.69 -3.25 2.45
CA GLY A 12 -1.72 -2.19 2.29
C GLY A 12 -0.80 -2.47 1.12
N ASN A 13 -0.16 -1.41 0.64
CA ASN A 13 0.79 -1.49 -0.43
C ASN A 13 0.23 -2.09 -1.71
N ILE A 14 -1.01 -1.71 -2.05
CA ILE A 14 -1.62 -2.16 -3.28
C ILE A 14 -0.92 -1.48 -4.46
N PRO A 15 -0.90 -2.16 -5.62
CA PRO A 15 -0.29 -1.61 -6.83
C PRO A 15 -0.85 -0.27 -7.25
N PHE A 16 0.02 0.59 -7.75
CA PHE A 16 -0.37 1.90 -8.29
C PHE A 16 -1.38 1.70 -9.40
N GLY A 17 -2.44 2.52 -9.40
CA GLY A 17 -3.44 2.49 -10.47
C GLY A 17 -4.42 1.31 -10.50
N ILE A 18 -4.25 0.35 -9.59
CA ILE A 18 -5.07 -0.88 -9.62
C ILE A 18 -6.55 -0.54 -9.40
N THR A 19 -7.45 -1.33 -9.96
CA THR A 19 -8.89 -1.09 -9.83
C THR A 19 -9.51 -1.94 -8.72
N GLU A 20 -10.58 -1.43 -8.12
CA GLU A 20 -11.38 -2.19 -7.18
C GLU A 20 -11.81 -3.54 -7.79
N GLU A 21 -12.10 -3.54 -9.08
CA GLU A 21 -12.48 -4.75 -9.78
C GLU A 21 -11.34 -5.78 -9.86
N ALA A 22 -10.15 -5.36 -10.23
CA ALA A 22 -9.01 -6.29 -10.38
C ALA A 22 -8.58 -6.82 -9.02
N MET A 23 -8.61 -5.94 -8.03
CA MET A 23 -8.35 -6.33 -6.65
C MET A 23 -9.30 -7.47 -6.28
N MET A 24 -10.58 -7.27 -6.58
CA MET A 24 -11.64 -8.23 -6.28
C MET A 24 -11.42 -9.56 -6.96
N ASP A 25 -11.14 -9.51 -8.27
CA ASP A 25 -10.88 -10.72 -9.04
C ASP A 25 -9.63 -11.40 -8.49
N PHE A 26 -8.65 -10.62 -8.07
CA PHE A 26 -7.43 -11.23 -7.62
C PHE A 26 -7.69 -12.01 -6.33
N PHE A 27 -8.28 -11.36 -5.32
CA PHE A 27 -8.52 -12.02 -4.04
C PHE A 27 -9.56 -13.13 -4.13
N ASN A 28 -10.56 -12.96 -4.98
CA ASN A 28 -11.48 -14.04 -5.26
C ASN A 28 -10.76 -15.24 -5.84
N ALA A 29 -9.90 -15.00 -6.82
CA ALA A 29 -9.12 -16.08 -7.43
C ALA A 29 -8.26 -16.79 -6.36
N GLN A 30 -7.56 -16.03 -5.52
CA GLN A 30 -6.67 -16.69 -4.55
C GLN A 30 -7.44 -17.57 -3.57
N MET A 31 -8.52 -17.04 -3.02
CA MET A 31 -9.36 -17.80 -2.12
C MET A 31 -9.70 -19.17 -2.72
N ARG A 32 -9.95 -19.20 -4.03
CA ARG A 32 -10.34 -20.42 -4.71
C ARG A 32 -9.19 -21.38 -4.98
N LEU A 33 -8.09 -20.85 -5.51
CA LEU A 33 -6.91 -21.65 -5.81
C LEU A 33 -6.22 -22.12 -4.54
N GLY A 34 -6.39 -21.36 -3.46
CA GLY A 34 -5.81 -21.74 -2.16
C GLY A 34 -6.68 -22.68 -1.34
N GLY A 35 -7.93 -22.88 -1.77
CA GLY A 35 -8.88 -23.73 -1.05
C GLY A 35 -9.25 -23.16 0.30
N LEU A 36 -9.32 -21.85 0.39
CA LEU A 36 -9.77 -21.19 1.62
C LEU A 36 -11.26 -20.87 1.57
N THR A 37 -11.81 -20.80 0.34
CA THR A 37 -13.24 -20.59 0.10
C THR A 37 -13.94 -21.73 0.76
N GLN A 38 -15.07 -21.44 1.38
CA GLN A 38 -15.84 -22.46 2.11
C GLN A 38 -17.21 -22.70 1.51
N ALA A 39 -17.50 -22.15 0.34
CA ALA A 39 -18.78 -22.39 -0.34
C ALA A 39 -18.71 -21.97 -1.80
N PRO A 40 -19.71 -22.38 -2.60
CA PRO A 40 -19.72 -21.96 -4.00
C PRO A 40 -19.93 -20.46 -4.10
N GLY A 41 -19.12 -19.80 -4.90
CA GLY A 41 -19.29 -18.35 -5.09
C GLY A 41 -18.14 -17.54 -4.52
N ASN A 42 -18.20 -16.23 -4.76
CA ASN A 42 -17.10 -15.33 -4.42
C ASN A 42 -17.19 -14.96 -2.97
N PRO A 43 -16.09 -15.15 -2.21
CA PRO A 43 -16.00 -14.69 -0.83
C PRO A 43 -15.92 -13.15 -0.66
N VAL A 44 -15.26 -12.47 -1.60
CA VAL A 44 -15.13 -11.02 -1.51
C VAL A 44 -16.27 -10.35 -2.29
N LEU A 45 -17.03 -9.55 -1.58
CA LEU A 45 -18.23 -8.93 -2.14
C LEU A 45 -17.94 -7.58 -2.74
N ALA A 46 -16.82 -6.99 -2.32
CA ALA A 46 -16.54 -5.60 -2.61
C ALA A 46 -15.16 -5.20 -2.12
N VAL A 47 -14.67 -4.09 -2.67
CA VAL A 47 -13.33 -3.65 -2.41
C VAL A 47 -13.39 -2.14 -2.48
N GLN A 48 -12.95 -1.45 -1.43
CA GLN A 48 -12.85 0.02 -1.46
C GLN A 48 -11.40 0.46 -1.51
N ILE A 49 -11.03 1.26 -2.52
CA ILE A 49 -9.69 1.83 -2.62
C ILE A 49 -9.64 3.32 -2.31
N ASN A 50 -8.62 3.68 -1.54
CA ASN A 50 -8.16 5.02 -1.38
C ASN A 50 -6.98 5.15 -2.31
N GLN A 51 -7.17 5.77 -3.46
CA GLN A 51 -6.07 5.86 -4.40
C GLN A 51 -4.91 6.67 -3.80
N ASP A 52 -5.23 7.71 -3.04
CA ASP A 52 -4.21 8.64 -2.55
C ASP A 52 -3.21 8.04 -1.57
N LYS A 53 -3.69 7.18 -0.67
CA LYS A 53 -2.88 6.58 0.39
C LYS A 53 -2.60 5.12 0.11
N ASN A 54 -3.02 4.64 -1.06
CA ASN A 54 -2.68 3.29 -1.52
C ASN A 54 -2.99 2.15 -0.60
N PHE A 55 -4.24 2.08 -0.16
CA PHE A 55 -4.70 0.92 0.58
C PHE A 55 -6.14 0.65 0.22
N ALA A 56 -6.59 -0.55 0.55
CA ALA A 56 -7.96 -0.95 0.31
C ALA A 56 -8.53 -1.64 1.50
N PHE A 57 -9.85 -1.68 1.52
CA PHE A 57 -10.58 -2.54 2.44
C PHE A 57 -11.37 -3.57 1.64
N LEU A 58 -11.15 -4.85 1.96
CA LEU A 58 -11.90 -5.93 1.35
C LEU A 58 -13.12 -6.11 2.19
N GLU A 59 -14.22 -6.51 1.57
CA GLU A 59 -15.47 -6.84 2.27
C GLU A 59 -15.80 -8.29 1.93
N PHE A 60 -15.78 -9.15 2.93
CA PHE A 60 -16.09 -10.55 2.73
C PHE A 60 -17.54 -10.88 3.08
N ARG A 61 -18.04 -12.00 2.56
CA ARG A 61 -19.42 -12.44 2.80
C ARG A 61 -19.60 -13.18 4.10
N SER A 62 -18.50 -13.64 4.69
CA SER A 62 -18.57 -14.46 5.86
C SER A 62 -17.47 -14.13 6.84
N VAL A 63 -17.61 -14.64 8.05
CA VAL A 63 -16.68 -14.33 9.13
C VAL A 63 -15.39 -15.15 9.02
N ASP A 64 -15.50 -16.46 8.84
CA ASP A 64 -14.31 -17.33 8.84
C ASP A 64 -13.42 -17.08 7.64
N GLU A 65 -14.05 -16.84 6.49
CA GLU A 65 -13.32 -16.53 5.26
C GLU A 65 -12.51 -15.25 5.42
N THR A 66 -13.05 -14.26 6.13
CA THR A 66 -12.27 -13.10 6.47
C THR A 66 -10.99 -13.49 7.22
N THR A 67 -11.11 -14.38 8.20
CA THR A 67 -9.94 -14.82 8.96
C THR A 67 -8.91 -15.56 8.10
N GLN A 68 -9.39 -16.43 7.21
CA GLN A 68 -8.52 -17.31 6.46
C GLN A 68 -7.71 -16.50 5.46
N ALA A 69 -8.35 -15.49 4.87
CA ALA A 69 -7.71 -14.62 3.90
C ALA A 69 -6.52 -13.90 4.48
N MET A 70 -6.49 -13.75 5.80
CA MET A 70 -5.30 -13.24 6.46
C MET A 70 -4.05 -14.05 6.13
N ALA A 71 -4.20 -15.33 5.78
CA ALA A 71 -3.03 -16.16 5.43
C ALA A 71 -2.32 -15.67 4.15
N PHE A 72 -2.95 -14.76 3.41
CA PHE A 72 -2.33 -14.15 2.24
C PHE A 72 -1.37 -13.02 2.59
N ASP A 73 -1.30 -12.63 3.86
CA ASP A 73 -0.37 -11.59 4.24
C ASP A 73 0.97 -11.84 3.54
N GLY A 74 1.41 -10.86 2.75
CA GLY A 74 2.69 -10.86 2.08
C GLY A 74 2.61 -11.13 0.58
N ILE A 75 1.47 -11.64 0.10
CA ILE A 75 1.36 -12.09 -1.27
C ILE A 75 1.77 -11.01 -2.28
N ILE A 76 2.50 -11.39 -3.32
CA ILE A 76 2.96 -10.42 -4.30
C ILE A 76 1.90 -10.26 -5.37
N PHE A 77 1.50 -9.02 -5.62
CA PHE A 77 0.47 -8.70 -6.60
C PHE A 77 0.99 -7.54 -7.44
N GLN A 78 1.21 -7.79 -8.74
CA GLN A 78 1.86 -6.83 -9.65
C GLN A 78 3.13 -6.24 -9.03
N GLY A 79 4.07 -7.09 -8.66
CA GLY A 79 5.34 -6.65 -8.07
C GLY A 79 5.28 -6.18 -6.62
N GLN A 80 4.08 -6.16 -6.02
CA GLN A 80 3.87 -5.52 -4.72
C GLN A 80 3.39 -6.48 -3.63
N SER A 81 4.14 -6.53 -2.53
CA SER A 81 3.86 -7.39 -1.39
C SER A 81 2.75 -6.77 -0.56
N LEU A 82 1.58 -7.41 -0.58
CA LEU A 82 0.41 -6.84 0.06
C LEU A 82 0.50 -7.02 1.59
N LYS A 83 0.16 -5.95 2.33
CA LYS A 83 0.11 -5.97 3.78
C LYS A 83 -1.34 -6.12 4.22
N ILE A 84 -1.68 -7.31 4.72
CA ILE A 84 -3.05 -7.64 5.07
C ILE A 84 -3.17 -7.65 6.57
N ARG A 85 -4.08 -6.82 7.10
CA ARG A 85 -4.32 -6.72 8.54
C ARG A 85 -5.81 -6.61 8.87
N ARG A 86 -6.15 -6.84 10.12
CA ARG A 86 -7.48 -6.59 10.63
C ARG A 86 -7.71 -5.09 10.60
N PRO A 87 -8.96 -4.68 10.42
CA PRO A 87 -9.38 -3.30 10.66
C PRO A 87 -8.98 -2.85 12.05
N HIS A 88 -8.62 -1.58 12.20
CA HIS A 88 -8.26 -0.98 13.48
CA HIS A 88 -8.20 -1.10 13.51
C HIS A 88 -9.35 -1.20 14.51
N ASP A 89 -10.59 -1.03 14.06
CA ASP A 89 -11.76 -1.15 14.97
C ASP A 89 -12.02 -2.58 15.50
N TYR A 90 -11.39 -3.58 14.90
CA TYR A 90 -11.59 -5.00 15.25
C TYR A 90 -10.83 -5.38 16.49
N GLN A 91 -11.54 -5.98 17.44
CA GLN A 91 -10.93 -6.54 18.62
C GLN A 91 -11.30 -8.00 18.73
N PRO A 92 -10.35 -8.83 19.15
CA PRO A 92 -10.73 -10.18 19.58
C PRO A 92 -11.41 -10.04 20.89
N LEU A 93 -12.18 -11.06 21.30
CA LEU A 93 -12.93 -10.96 22.54
C LEU A 93 -12.01 -11.12 23.77
N PRO A 94 -12.35 -10.46 24.89
CA PRO A 94 -11.42 -10.38 26.01
C PRO A 94 -10.88 -11.76 26.43
N GLY A 95 -9.62 -11.81 26.86
CA GLY A 95 -8.98 -13.07 27.23
C GLY A 95 -8.97 -14.15 26.16
N ALA A 96 -8.99 -13.75 24.89
CA ALA A 96 -8.90 -14.70 23.80
C ALA A 96 -7.44 -15.12 23.64
N HIS A 97 -6.51 -14.19 23.87
CA HIS A 97 -5.09 -14.48 23.73
C HIS A 97 -4.34 -14.26 25.06
N LYS A 98 -4.95 -14.64 26.18
CA LYS A 98 -4.37 -14.40 27.50
C LYS A 98 -3.18 -15.31 27.72
N LEU A 99 -2.08 -14.73 28.22
CA LEU A 99 -0.85 -15.48 28.46
C LEU A 99 -0.58 -15.77 29.94
N PHE A 100 0.04 -16.93 30.18
CA PHE A 100 0.57 -17.32 31.49
C PHE A 100 2.08 -17.12 31.49
N ILE A 101 2.60 -16.46 32.55
CA ILE A 101 4.04 -16.31 32.73
C ILE A 101 4.47 -17.03 34.00
N GLY A 102 5.05 -18.21 33.83
CA GLY A 102 5.65 -18.97 34.92
C GLY A 102 7.18 -18.94 34.97
N GLY A 103 7.70 -19.22 36.17
CA GLY A 103 9.15 -19.26 36.43
C GLY A 103 9.83 -17.90 36.57
N LEU A 104 9.10 -16.90 37.06
CA LEU A 104 9.69 -15.60 37.35
C LEU A 104 10.31 -15.62 38.75
N PRO A 105 11.47 -14.95 38.92
CA PRO A 105 11.98 -14.79 40.27
C PRO A 105 10.92 -14.15 41.16
N ASN A 106 10.86 -14.55 42.42
CA ASN A 106 9.78 -14.11 43.29
C ASN A 106 10.00 -12.75 43.97
N TYR A 107 11.24 -12.25 43.93
CA TYR A 107 11.52 -10.94 44.52
C TYR A 107 11.20 -9.76 43.56
N LEU A 108 10.98 -10.07 42.28
CA LEU A 108 10.72 -9.03 41.27
C LEU A 108 9.29 -8.49 41.38
N ASN A 109 9.15 -7.17 41.29
CA ASN A 109 7.85 -6.52 41.45
C ASN A 109 7.14 -6.41 40.12
N ASP A 110 5.90 -5.90 40.18
CA ASP A 110 5.04 -5.70 39.01
C ASP A 110 5.78 -5.06 37.84
N ASP A 111 6.21 -3.81 38.02
CA ASP A 111 6.86 -3.04 36.97
C ASP A 111 8.05 -3.79 36.37
N GLN A 112 8.76 -4.51 37.23
CA GLN A 112 9.99 -5.18 36.83
C GLN A 112 9.68 -6.37 35.93
N VAL A 113 8.58 -7.07 36.23
CA VAL A 113 8.13 -8.18 35.38
C VAL A 113 7.52 -7.65 34.07
N LYS A 114 6.73 -6.57 34.19
CA LYS A 114 6.18 -5.82 33.06
C LYS A 114 7.27 -5.47 32.04
N GLU A 115 8.44 -5.09 32.53
CA GLU A 115 9.53 -4.69 31.67
C GLU A 115 9.79 -5.81 30.66
N LEU A 116 9.95 -7.04 31.14
CA LEU A 116 10.26 -8.20 30.29
C LEU A 116 9.22 -8.39 29.19
N LEU A 117 7.97 -8.08 29.49
CA LEU A 117 6.88 -8.34 28.59
C LEU A 117 6.66 -7.18 27.65
N THR A 118 6.68 -5.96 28.19
CA THR A 118 6.59 -4.70 27.41
C THR A 118 7.63 -4.58 26.31
N SER A 119 8.76 -5.22 26.51
CA SER A 119 9.79 -5.40 25.49
C SER A 119 9.25 -5.80 24.11
N PHE A 120 8.34 -6.76 24.09
CA PHE A 120 7.77 -7.31 22.86
C PHE A 120 6.67 -6.45 22.27
N GLY A 121 6.11 -5.55 23.09
CA GLY A 121 5.03 -4.67 22.67
C GLY A 121 4.10 -4.32 23.82
N PRO A 122 3.18 -3.37 23.60
CA PRO A 122 2.31 -2.87 24.67
C PRO A 122 1.26 -3.86 25.17
N LEU A 123 0.90 -3.74 26.44
CA LEU A 123 -0.05 -4.65 27.09
C LEU A 123 -1.41 -3.95 27.35
N LYS A 124 -2.51 -4.67 27.13
CA LYS A 124 -3.82 -4.17 27.50
C LYS A 124 -4.23 -4.71 28.87
N ALA A 125 -3.54 -5.74 29.35
CA ALA A 125 -3.82 -6.29 30.67
C ALA A 125 -2.59 -6.99 31.22
N PHE A 126 -2.50 -7.02 32.54
CA PHE A 126 -1.41 -7.72 33.20
C PHE A 126 -1.69 -7.84 34.70
N ASN A 127 -1.32 -8.98 35.30
CA ASN A 127 -1.31 -9.12 36.76
C ASN A 127 -0.29 -10.15 37.24
N LEU A 128 0.59 -9.72 38.16
CA LEU A 128 1.55 -10.60 38.83
C LEU A 128 0.90 -11.07 40.10
N VAL A 129 0.71 -12.39 40.20
CA VAL A 129 -0.05 -12.97 41.29
C VAL A 129 0.78 -12.91 42.57
N LYS A 130 0.17 -12.36 43.61
CA LYS A 130 0.85 -12.14 44.88
C LYS A 130 0.12 -12.83 46.03
N ASP A 131 0.79 -12.96 47.17
CA ASP A 131 0.14 -13.36 48.42
C ASP A 131 -0.40 -12.07 49.06
N SER A 132 -1.72 -11.91 49.04
CA SER A 132 -2.34 -10.63 49.45
C SER A 132 -2.14 -10.28 50.93
N ALA A 133 -1.97 -11.29 51.77
CA ALA A 133 -1.69 -11.09 53.21
C ALA A 133 -0.29 -10.50 53.42
N THR A 134 0.66 -10.89 52.57
CA THR A 134 2.06 -10.44 52.69
C THR A 134 2.47 -9.41 51.64
N GLY A 135 1.90 -9.53 50.43
CA GLY A 135 2.31 -8.72 49.28
C GLY A 135 3.41 -9.36 48.42
N LEU A 136 3.82 -10.58 48.75
CA LEU A 136 4.99 -11.20 48.13
C LEU A 136 4.60 -11.99 46.88
N SER A 137 5.45 -11.99 45.87
CA SER A 137 5.07 -12.56 44.56
C SER A 137 5.08 -14.06 44.57
N LYS A 138 4.19 -14.66 43.79
CA LYS A 138 4.12 -16.12 43.66
C LYS A 138 4.95 -16.64 42.51
N GLY A 139 5.52 -15.74 41.72
CA GLY A 139 6.42 -16.12 40.63
C GLY A 139 5.74 -16.38 39.29
N TYR A 140 4.49 -15.97 39.17
CA TYR A 140 3.80 -16.12 37.90
C TYR A 140 2.80 -14.99 37.67
N ALA A 141 2.57 -14.69 36.39
CA ALA A 141 1.76 -13.56 35.98
C ALA A 141 0.90 -13.92 34.79
N PHE A 142 -0.06 -13.07 34.51
CA PHE A 142 -0.89 -13.21 33.33
C PHE A 142 -0.83 -11.89 32.59
N CYS A 143 -0.86 -11.95 31.26
CA CYS A 143 -0.97 -10.74 30.49
C CYS A 143 -1.69 -10.90 29.16
N GLU A 144 -1.98 -9.75 28.54
CA GLU A 144 -2.49 -9.67 27.17
C GLU A 144 -1.90 -8.49 26.43
N TYR A 145 -1.30 -8.76 25.28
CA TYR A 145 -0.73 -7.70 24.45
C TYR A 145 -1.83 -6.97 23.67
N VAL A 146 -1.65 -5.66 23.46
CA VAL A 146 -2.62 -4.87 22.70
C VAL A 146 -2.69 -5.37 21.27
N ASP A 147 -1.60 -5.22 20.53
CA ASP A 147 -1.51 -5.88 19.24
C ASP A 147 -1.49 -7.38 19.56
N ILE A 148 -2.18 -8.17 18.74
CA ILE A 148 -2.52 -9.55 19.06
C ILE A 148 -1.60 -10.58 18.38
N ASN A 149 -0.97 -10.18 17.28
CA ASN A 149 0.09 -10.97 16.64
C ASN A 149 1.40 -10.99 17.45
N VAL A 150 1.47 -10.12 18.46
CA VAL A 150 2.65 -10.03 19.31
C VAL A 150 2.69 -11.27 20.23
N THR A 151 1.51 -11.82 20.52
CA THR A 151 1.33 -12.98 21.40
C THR A 151 2.24 -14.15 21.09
N ASP A 152 2.29 -14.54 19.82
CA ASP A 152 3.11 -15.68 19.41
C ASP A 152 4.61 -15.40 19.49
N GLN A 153 5.00 -14.16 19.19
CA GLN A 153 6.40 -13.77 19.21
C GLN A 153 6.96 -13.71 20.64
N ALA A 154 6.12 -13.31 21.60
CA ALA A 154 6.51 -13.28 23.00
C ALA A 154 6.76 -14.70 23.52
N ILE A 155 5.92 -15.64 23.06
CA ILE A 155 6.04 -17.05 23.39
C ILE A 155 7.38 -17.56 22.86
N ALA A 156 7.63 -17.36 21.56
CA ALA A 156 8.91 -17.74 20.93
C ALA A 156 10.13 -17.07 21.57
N GLY A 157 9.97 -15.84 22.03
CA GLY A 157 11.05 -15.11 22.66
C GLY A 157 11.30 -15.42 24.13
N LEU A 158 10.28 -15.96 24.81
CA LEU A 158 10.37 -16.25 26.24
C LEU A 158 10.20 -17.73 26.64
N ASN A 159 9.32 -18.48 25.96
CA ASN A 159 9.04 -19.85 26.37
C ASN A 159 10.31 -20.67 26.39
N GLY A 160 10.56 -21.35 27.50
CA GLY A 160 11.73 -22.22 27.61
C GLY A 160 13.06 -21.52 27.83
N MET A 161 13.06 -20.19 27.76
CA MET A 161 14.29 -19.40 27.81
C MET A 161 14.73 -19.25 29.25
N GLN A 162 15.97 -18.83 29.45
CA GLN A 162 16.51 -18.85 30.80
C GLN A 162 16.36 -17.49 31.45
N LEU A 163 16.03 -17.49 32.73
CA LEU A 163 15.86 -16.27 33.49
C LEU A 163 16.31 -16.52 34.91
N GLY A 164 17.61 -16.31 35.15
CA GLY A 164 18.19 -16.61 36.44
C GLY A 164 18.46 -18.10 36.48
N ASP A 165 18.27 -18.69 37.66
CA ASP A 165 18.39 -20.14 37.80
C ASP A 165 17.18 -20.87 37.20
N LYS A 166 16.13 -20.12 36.86
CA LYS A 166 14.89 -20.71 36.33
C LYS A 166 14.69 -20.56 34.82
N LYS A 167 13.77 -21.39 34.31
CA LYS A 167 13.44 -21.50 32.91
C LYS A 167 12.03 -20.99 32.79
N LEU A 168 11.82 -20.02 31.91
CA LEU A 168 10.52 -19.38 31.82
C LEU A 168 9.53 -20.29 31.11
N LEU A 169 8.29 -20.28 31.58
CA LEU A 169 7.22 -20.89 30.84
C LEU A 169 6.30 -19.77 30.39
N VAL A 170 6.08 -19.67 29.08
CA VAL A 170 5.12 -18.72 28.52
C VAL A 170 4.22 -19.49 27.57
N GLN A 171 2.90 -19.41 27.77
CA GLN A 171 1.96 -20.15 26.93
C GLN A 171 0.57 -19.56 27.05
N ARG A 172 -0.28 -19.87 26.08
CA ARG A 172 -1.68 -19.44 26.14
C ARG A 172 -2.25 -19.96 27.43
N ALA A 173 -2.87 -19.09 28.22
CA ALA A 173 -3.44 -19.50 29.51
C ALA A 173 -4.58 -20.53 29.37
N SER A 174 -4.92 -20.85 28.13
CA SER A 174 -5.80 -21.98 27.83
C SER A 174 -5.67 -22.35 26.34
N LEU B 3 0.78 8.64 -13.66
CA LEU B 3 0.20 7.66 -14.64
C LEU B 3 -0.46 8.33 -15.86
N GLY B 4 -0.11 9.56 -16.16
CA GLY B 4 -0.73 10.30 -17.28
C GLY B 4 -0.01 10.10 -18.60
N SER B 5 1.25 9.70 -18.52
CA SER B 5 2.01 9.41 -19.72
C SER B 5 1.71 8.01 -20.28
N ALA B 6 0.85 7.25 -19.62
CA ALA B 6 0.45 5.93 -20.09
C ALA B 6 -0.76 6.00 -21.04
N ARG B 7 -1.22 7.22 -21.32
CA ARG B 7 -2.39 7.49 -22.16
C ARG B 7 -2.06 8.41 -23.36
N ARG B 8 -0.77 8.55 -23.67
CA ARG B 8 -0.34 9.39 -24.79
C ARG B 8 0.59 8.60 -25.73
N LEU B 9 0.53 8.94 -27.01
CA LEU B 9 1.40 8.34 -27.99
C LEU B 9 1.95 9.40 -28.94
N TYR B 10 3.24 9.30 -29.18
CA TYR B 10 3.89 10.10 -30.16
C TYR B 10 3.59 9.52 -31.53
N VAL B 11 3.28 10.40 -32.48
CA VAL B 11 3.04 10.00 -33.87
C VAL B 11 3.88 10.86 -34.79
N GLY B 12 4.82 10.23 -35.51
CA GLY B 12 5.70 10.97 -36.43
C GLY B 12 5.40 10.74 -37.90
N ASN B 13 6.10 11.51 -38.74
CA ASN B 13 5.95 11.46 -40.19
C ASN B 13 4.57 11.84 -40.67
N ILE B 14 3.94 12.81 -40.02
CA ILE B 14 2.58 13.17 -40.41
C ILE B 14 2.59 13.98 -41.70
N PRO B 15 1.55 13.85 -42.54
CA PRO B 15 1.55 14.55 -43.81
C PRO B 15 1.35 16.04 -43.64
N PHE B 16 1.94 16.81 -44.56
CA PHE B 16 1.77 18.24 -44.53
C PHE B 16 0.29 18.59 -44.44
N GLY B 17 -0.02 19.64 -43.69
CA GLY B 17 -1.31 20.27 -43.74
C GLY B 17 -2.44 19.59 -42.99
N ILE B 18 -2.15 18.46 -42.33
CA ILE B 18 -3.15 17.70 -41.61
C ILE B 18 -3.57 18.43 -40.33
N THR B 19 -4.85 18.27 -39.98
CA THR B 19 -5.44 18.93 -38.82
C THR B 19 -5.59 17.98 -37.66
N GLU B 20 -5.71 18.54 -36.48
CA GLU B 20 -5.85 17.74 -35.27
C GLU B 20 -7.14 16.91 -35.32
N GLU B 21 -8.20 17.51 -35.84
CA GLU B 21 -9.44 16.79 -36.04
C GLU B 21 -9.28 15.59 -37.01
N ALA B 22 -8.67 15.81 -38.15
CA ALA B 22 -8.54 14.74 -39.16
C ALA B 22 -7.75 13.56 -38.62
N MET B 23 -6.70 13.84 -37.85
CA MET B 23 -5.92 12.80 -37.18
C MET B 23 -6.77 12.05 -36.17
N MET B 24 -7.54 12.82 -35.41
CA MET B 24 -8.48 12.27 -34.43
C MET B 24 -9.43 11.29 -35.11
N ASP B 25 -10.06 11.74 -36.20
CA ASP B 25 -10.93 10.88 -36.99
C ASP B 25 -10.30 9.55 -37.39
N PHE B 26 -9.07 9.62 -37.90
CA PHE B 26 -8.37 8.48 -38.47
C PHE B 26 -8.07 7.43 -37.41
N PHE B 27 -7.48 7.83 -36.28
CA PHE B 27 -7.22 6.86 -35.19
C PHE B 27 -8.49 6.29 -34.57
N ASN B 28 -9.52 7.12 -34.41
CA ASN B 28 -10.78 6.60 -33.92
C ASN B 28 -11.30 5.56 -34.90
N ALA B 29 -11.21 5.86 -36.21
CA ALA B 29 -11.65 4.94 -37.24
C ALA B 29 -10.88 3.64 -37.17
N GLN B 30 -9.55 3.72 -37.04
CA GLN B 30 -8.72 2.51 -37.05
C GLN B 30 -9.05 1.64 -35.85
N MET B 31 -9.27 2.29 -34.72
CA MET B 31 -9.52 1.59 -33.47
C MET B 31 -10.87 0.83 -33.53
N ARG B 32 -11.87 1.46 -34.14
CA ARG B 32 -13.17 0.85 -34.39
C ARG B 32 -13.04 -0.38 -35.29
N LEU B 33 -12.17 -0.24 -36.27
CA LEU B 33 -12.04 -1.24 -37.31
C LEU B 33 -11.47 -2.54 -36.76
N GLY B 34 -10.41 -2.44 -35.98
CA GLY B 34 -9.70 -3.63 -35.50
C GLY B 34 -10.53 -4.44 -34.52
N GLY B 35 -11.27 -3.70 -33.70
CA GLY B 35 -11.84 -4.24 -32.45
C GLY B 35 -10.82 -4.11 -31.33
N LEU B 36 -10.06 -3.01 -31.32
CA LEU B 36 -9.02 -2.77 -30.29
C LEU B 36 -9.47 -1.84 -29.16
N THR B 37 -10.75 -1.43 -29.23
CA THR B 37 -11.35 -0.50 -28.28
C THR B 37 -11.83 -1.24 -27.03
N GLN B 38 -11.80 -0.56 -25.88
CA GLN B 38 -12.31 -1.14 -24.62
C GLN B 38 -13.86 -1.08 -24.53
N ALA B 39 -14.51 -0.36 -25.44
CA ALA B 39 -15.90 -0.03 -25.27
C ALA B 39 -16.49 0.83 -26.38
N PRO B 40 -17.78 1.11 -26.28
CA PRO B 40 -18.36 2.11 -27.13
C PRO B 40 -17.69 3.46 -26.93
N GLY B 41 -17.75 4.29 -27.97
CA GLY B 41 -17.25 5.65 -27.95
C GLY B 41 -15.94 5.76 -28.72
N ASN B 42 -15.30 6.93 -28.61
CA ASN B 42 -14.02 7.18 -29.25
C ASN B 42 -12.88 7.06 -28.24
N PRO B 43 -11.85 6.25 -28.56
CA PRO B 43 -10.74 6.17 -27.63
C PRO B 43 -9.83 7.41 -27.56
N VAL B 44 -9.65 8.11 -28.68
CA VAL B 44 -8.78 9.30 -28.68
C VAL B 44 -9.60 10.49 -28.27
N LEU B 45 -9.19 11.12 -27.17
CA LEU B 45 -9.86 12.30 -26.63
C LEU B 45 -9.32 13.59 -27.23
N ALA B 46 -8.08 13.58 -27.72
CA ALA B 46 -7.43 14.82 -28.14
C ALA B 46 -6.16 14.56 -28.88
N VAL B 47 -5.81 15.51 -29.76
CA VAL B 47 -4.59 15.47 -30.57
C VAL B 47 -3.91 16.86 -30.60
N GLN B 48 -2.59 16.92 -30.36
CA GLN B 48 -1.85 18.17 -30.47
C GLN B 48 -0.81 18.05 -31.57
N ILE B 49 -0.75 19.03 -32.46
CA ILE B 49 0.09 18.96 -33.66
C ILE B 49 1.12 20.08 -33.69
N ASN B 50 2.38 19.71 -33.83
CA ASN B 50 3.45 20.65 -34.13
C ASN B 50 3.75 20.50 -35.60
N GLN B 51 3.22 21.41 -36.41
CA GLN B 51 3.39 21.30 -37.87
C GLN B 51 4.84 21.52 -38.31
N ASP B 52 5.56 22.41 -37.62
CA ASP B 52 6.97 22.69 -37.96
C ASP B 52 7.87 21.46 -37.86
N LYS B 53 7.63 20.60 -36.88
CA LYS B 53 8.47 19.41 -36.67
C LYS B 53 7.74 18.11 -37.08
N ASN B 54 6.52 18.26 -37.59
CA ASN B 54 5.84 17.14 -38.23
C ASN B 54 5.57 15.97 -37.29
N PHE B 55 5.12 16.29 -36.09
CA PHE B 55 4.68 15.24 -35.20
C PHE B 55 3.42 15.67 -34.45
N ALA B 56 2.84 14.71 -33.76
CA ALA B 56 1.65 14.93 -33.01
C ALA B 56 1.71 14.09 -31.75
N PHE B 57 0.92 14.48 -30.76
CA PHE B 57 0.59 13.61 -29.65
C PHE B 57 -0.88 13.31 -29.65
N LEU B 58 -1.23 12.04 -29.40
CA LEU B 58 -2.62 11.63 -29.27
C LEU B 58 -2.81 11.43 -27.81
N GLU B 59 -3.98 11.71 -27.28
CA GLU B 59 -4.28 11.34 -25.92
C GLU B 59 -5.51 10.47 -25.90
N PHE B 60 -5.38 9.30 -25.28
CA PHE B 60 -6.43 8.30 -25.32
C PHE B 60 -7.18 8.31 -24.00
N ARG B 61 -8.35 7.71 -23.98
CA ARG B 61 -9.16 7.69 -22.76
C ARG B 61 -8.75 6.59 -21.78
N SER B 62 -8.02 5.58 -22.24
CA SER B 62 -7.57 4.52 -21.35
C SER B 62 -6.16 4.05 -21.63
N VAL B 63 -5.57 3.40 -20.60
CA VAL B 63 -4.24 2.82 -20.69
C VAL B 63 -4.25 1.67 -21.70
N ASP B 64 -5.17 0.71 -21.55
CA ASP B 64 -5.19 -0.45 -22.44
C ASP B 64 -5.40 -0.05 -23.91
N GLU B 65 -6.24 0.95 -24.17
CA GLU B 65 -6.45 1.39 -25.56
C GLU B 65 -5.23 2.12 -26.12
N THR B 66 -4.45 2.77 -25.25
CA THR B 66 -3.20 3.40 -25.65
C THR B 66 -2.23 2.32 -26.13
N THR B 67 -2.08 1.27 -25.31
CA THR B 67 -1.25 0.14 -25.71
C THR B 67 -1.68 -0.40 -27.05
N GLN B 68 -2.99 -0.62 -27.22
CA GLN B 68 -3.52 -1.18 -28.46
C GLN B 68 -3.13 -0.38 -29.69
N ALA B 69 -3.12 0.95 -29.57
CA ALA B 69 -2.86 1.83 -30.72
C ALA B 69 -1.42 1.76 -31.18
N MET B 70 -0.52 1.24 -30.34
CA MET B 70 0.85 1.02 -30.76
C MET B 70 0.97 0.06 -31.95
N ALA B 71 0.03 -0.86 -32.06
CA ALA B 71 0.02 -1.82 -33.15
C ALA B 71 -0.10 -1.11 -34.52
N PHE B 72 -0.59 0.13 -34.52
CA PHE B 72 -0.73 0.93 -35.72
C PHE B 72 0.57 1.55 -36.24
N ASP B 73 1.69 1.26 -35.61
CA ASP B 73 2.97 1.73 -36.12
C ASP B 73 3.21 1.28 -37.57
N GLY B 74 3.38 2.24 -38.46
CA GLY B 74 3.56 1.96 -39.89
C GLY B 74 2.29 2.12 -40.71
N ILE B 75 1.13 2.26 -40.04
CA ILE B 75 -0.15 2.40 -40.73
C ILE B 75 -0.10 3.57 -41.71
N ILE B 76 -0.84 3.45 -42.80
CA ILE B 76 -0.78 4.42 -43.84
C ILE B 76 -1.83 5.50 -43.57
N PHE B 77 -1.42 6.77 -43.67
CA PHE B 77 -2.34 7.89 -43.52
C PHE B 77 -2.00 8.91 -44.59
N GLN B 78 -3.00 9.22 -45.42
CA GLN B 78 -2.84 10.05 -46.59
C GLN B 78 -1.51 9.77 -47.26
N GLY B 79 -1.31 8.52 -47.63
CA GLY B 79 -0.17 8.15 -48.47
C GLY B 79 1.13 7.93 -47.74
N GLN B 80 1.20 8.25 -46.46
CA GLN B 80 2.47 8.16 -45.73
C GLN B 80 2.35 7.21 -44.52
N SER B 81 3.50 6.67 -44.14
CA SER B 81 3.60 5.64 -43.12
C SER B 81 3.91 6.27 -41.77
N LEU B 82 2.97 6.18 -40.83
CA LEU B 82 3.15 6.86 -39.54
C LEU B 82 4.09 6.11 -38.60
N LYS B 83 4.88 6.86 -37.85
CA LYS B 83 5.71 6.34 -36.80
C LYS B 83 5.02 6.53 -35.47
N ILE B 84 4.80 5.45 -34.75
CA ILE B 84 4.10 5.49 -33.49
C ILE B 84 4.99 4.91 -32.39
N ARG B 85 5.20 5.69 -31.34
CA ARG B 85 6.08 5.33 -30.22
C ARG B 85 5.50 5.86 -28.92
N ARG B 86 6.08 5.37 -27.82
CA ARG B 86 5.76 5.86 -26.49
C ARG B 86 6.31 7.27 -26.32
N PRO B 87 5.72 8.02 -25.40
CA PRO B 87 6.29 9.29 -24.99
C PRO B 87 7.56 8.99 -24.24
N HIS B 88 8.56 9.86 -24.37
CA HIS B 88 9.84 9.61 -23.74
C HIS B 88 9.72 9.39 -22.22
N ASP B 89 8.79 10.05 -21.56
CA ASP B 89 8.63 9.87 -20.13
C ASP B 89 7.59 8.82 -19.71
N TYR B 90 7.22 7.93 -20.62
CA TYR B 90 6.26 6.87 -20.31
C TYR B 90 6.90 5.93 -19.35
N GLN B 91 6.16 5.55 -18.31
CA GLN B 91 6.62 4.63 -17.30
C GLN B 91 5.98 3.25 -17.50
N PRO B 92 6.78 2.26 -17.94
CA PRO B 92 6.28 0.89 -18.09
C PRO B 92 5.91 0.29 -16.74
N LEU B 93 6.80 0.48 -15.77
CA LEU B 93 6.57 0.10 -14.39
C LEU B 93 6.10 1.34 -13.64
N PRO B 94 4.77 1.58 -13.63
CA PRO B 94 4.26 2.80 -13.00
C PRO B 94 4.52 2.84 -11.47
N GLY B 95 4.69 4.05 -10.94
CA GLY B 95 4.95 4.27 -9.52
C GLY B 95 6.39 4.09 -9.05
N ALA B 96 7.28 3.72 -9.96
CA ALA B 96 8.62 3.31 -9.59
C ALA B 96 9.47 4.45 -9.00
N HIS B 97 9.00 5.68 -9.11
CA HIS B 97 9.75 6.84 -8.63
C HIS B 97 9.07 7.54 -7.47
N LYS B 98 8.01 6.92 -6.96
CA LYS B 98 7.34 7.35 -5.75
C LYS B 98 8.32 7.22 -4.60
N LEU B 99 8.42 8.29 -3.84
CA LEU B 99 9.33 8.39 -2.72
C LEU B 99 8.59 8.20 -1.43
N PHE B 100 9.22 7.49 -0.50
CA PHE B 100 8.83 7.49 0.90
C PHE B 100 9.74 8.49 1.61
N ILE B 101 9.17 9.24 2.55
CA ILE B 101 9.94 10.24 3.29
C ILE B 101 9.63 10.03 4.74
N GLY B 102 10.60 9.53 5.51
CA GLY B 102 10.40 9.12 6.90
C GLY B 102 11.18 9.94 7.92
N GLY B 103 10.71 9.94 9.18
CA GLY B 103 11.42 10.62 10.27
C GLY B 103 11.31 12.14 10.23
N LEU B 104 10.17 12.62 9.76
CA LEU B 104 9.88 14.05 9.73
C LEU B 104 9.45 14.45 11.11
N PRO B 105 9.90 15.63 11.58
CA PRO B 105 9.31 16.22 12.77
C PRO B 105 7.80 16.15 12.70
N ASN B 106 7.16 15.66 13.75
CA ASN B 106 5.76 15.32 13.67
C ASN B 106 4.86 16.56 13.77
N TYR B 107 5.49 17.71 14.00
CA TYR B 107 4.76 18.96 14.08
C TYR B 107 4.66 19.67 12.73
N LEU B 108 5.33 19.14 11.72
CA LEU B 108 5.35 19.77 10.41
C LEU B 108 4.10 19.41 9.59
N ASN B 109 3.53 20.40 8.90
CA ASN B 109 2.29 20.24 8.14
C ASN B 109 2.57 19.93 6.68
N ASP B 110 1.49 19.76 5.92
CA ASP B 110 1.57 19.45 4.47
C ASP B 110 2.43 20.42 3.65
N ASP B 111 2.24 21.72 3.87
CA ASP B 111 2.97 22.75 3.15
C ASP B 111 4.46 22.78 3.46
N GLN B 112 4.78 22.57 4.73
CA GLN B 112 6.13 22.67 5.22
C GLN B 112 6.98 21.54 4.65
N VAL B 113 6.45 20.31 4.71
CA VAL B 113 7.11 19.14 4.13
C VAL B 113 7.21 19.30 2.61
N LYS B 114 6.18 19.87 2.00
CA LYS B 114 6.23 20.16 0.55
C LYS B 114 7.32 21.19 0.26
N GLU B 115 7.50 22.16 1.14
CA GLU B 115 8.51 23.20 0.98
C GLU B 115 9.91 22.59 1.08
N LEU B 116 10.05 21.56 1.92
CA LEU B 116 11.29 20.77 1.99
C LEU B 116 11.59 20.08 0.67
N LEU B 117 10.57 19.45 0.10
CA LEU B 117 10.70 18.64 -1.10
C LEU B 117 10.84 19.50 -2.38
N THR B 118 9.98 20.50 -2.55
CA THR B 118 9.95 21.28 -3.80
C THR B 118 11.23 22.04 -4.11
N SER B 119 12.10 22.24 -3.13
CA SER B 119 13.39 22.87 -3.37
C SER B 119 14.21 22.09 -4.42
N PHE B 120 13.72 20.91 -4.80
CA PHE B 120 14.29 20.12 -5.88
C PHE B 120 13.44 20.14 -7.16
N GLY B 121 12.21 20.63 -7.08
CA GLY B 121 11.36 20.76 -8.27
C GLY B 121 9.89 20.55 -7.97
N PRO B 122 9.03 20.82 -8.97
CA PRO B 122 7.59 20.71 -8.75
C PRO B 122 7.12 19.25 -8.56
N LEU B 123 6.07 19.06 -7.76
CA LEU B 123 5.52 17.71 -7.46
C LEU B 123 4.24 17.46 -8.22
N LYS B 124 4.02 16.21 -8.65
CA LYS B 124 2.73 15.85 -9.23
C LYS B 124 1.84 15.14 -8.20
N ALA B 125 2.45 14.39 -7.28
CA ALA B 125 1.71 13.76 -6.18
C ALA B 125 2.36 14.05 -4.83
N PHE B 126 1.53 14.25 -3.81
CA PHE B 126 2.03 14.33 -2.44
C PHE B 126 0.96 13.97 -1.41
N ASN B 127 1.40 13.30 -0.36
CA ASN B 127 0.57 13.14 0.82
C ASN B 127 1.40 12.92 2.07
N LEU B 128 0.94 13.52 3.17
CA LEU B 128 1.54 13.32 4.48
C LEU B 128 0.55 12.50 5.25
N VAL B 129 1.01 11.37 5.81
CA VAL B 129 0.14 10.47 6.56
C VAL B 129 -0.17 11.05 7.93
N LYS B 130 -1.43 10.96 8.33
CA LYS B 130 -1.86 11.48 9.61
C LYS B 130 -2.78 10.49 10.29
N ASP B 131 -2.73 10.42 11.62
CA ASP B 131 -3.70 9.65 12.42
C ASP B 131 -5.08 10.27 12.23
N SER B 132 -6.04 9.49 11.71
CA SER B 132 -7.41 9.98 11.51
C SER B 132 -8.02 10.53 12.78
N ALA B 133 -7.79 9.87 13.90
CA ALA B 133 -8.44 10.22 15.17
C ALA B 133 -8.09 11.67 15.60
N THR B 134 -6.82 12.03 15.46
CA THR B 134 -6.30 13.28 16.01
C THR B 134 -6.01 14.36 14.94
N GLY B 135 -5.53 13.95 13.78
CA GLY B 135 -5.00 14.89 12.77
C GLY B 135 -3.48 15.01 12.84
N LEU B 136 -2.86 14.27 13.78
CA LEU B 136 -1.42 14.32 14.04
C LEU B 136 -0.62 13.50 13.03
N SER B 137 0.28 14.18 12.33
CA SER B 137 1.25 13.52 11.48
C SER B 137 1.86 12.30 12.15
N LYS B 138 1.92 11.20 11.40
CA LYS B 138 2.63 10.00 11.83
C LYS B 138 4.13 10.08 11.50
N GLY B 139 4.54 11.16 10.83
CA GLY B 139 5.95 11.48 10.64
C GLY B 139 6.54 10.91 9.36
N TYR B 140 5.68 10.51 8.45
CA TYR B 140 6.17 10.15 7.14
C TYR B 140 5.20 10.54 6.05
N ALA B 141 5.74 10.68 4.85
CA ALA B 141 5.02 11.22 3.74
C ALA B 141 5.40 10.44 2.51
N PHE B 142 4.79 10.80 1.39
CA PHE B 142 5.12 10.23 0.12
C PHE B 142 5.01 11.32 -0.89
N CYS B 143 5.77 11.20 -1.98
CA CYS B 143 5.59 12.09 -3.10
C CYS B 143 6.04 11.48 -4.42
N GLU B 144 5.88 12.26 -5.47
CA GLU B 144 6.47 11.97 -6.75
C GLU B 144 6.65 13.28 -7.50
N TYR B 145 7.83 13.46 -8.08
CA TYR B 145 8.19 14.71 -8.75
C TYR B 145 7.53 14.77 -10.12
N VAL B 146 7.26 15.98 -10.61
CA VAL B 146 6.75 16.12 -11.98
C VAL B 146 7.79 15.58 -12.97
N ASP B 147 9.06 15.95 -12.81
CA ASP B 147 10.13 15.42 -13.65
C ASP B 147 10.75 14.26 -12.90
N ILE B 148 10.59 13.04 -13.41
CA ILE B 148 11.09 11.86 -12.65
C ILE B 148 12.62 11.78 -12.56
N ASN B 149 13.33 12.45 -13.46
CA ASN B 149 14.80 12.45 -13.44
C ASN B 149 15.42 13.21 -12.26
N VAL B 150 14.57 13.78 -11.41
CA VAL B 150 15.00 14.54 -10.23
C VAL B 150 14.95 13.69 -8.96
N THR B 151 14.14 12.63 -8.98
CA THR B 151 14.00 11.68 -7.85
C THR B 151 15.32 11.40 -7.15
N ASP B 152 16.30 10.97 -7.92
CA ASP B 152 17.60 10.61 -7.34
C ASP B 152 18.34 11.81 -6.73
N GLN B 153 18.14 12.99 -7.33
CA GLN B 153 18.69 14.21 -6.78
C GLN B 153 18.09 14.43 -5.39
N ALA B 154 16.75 14.36 -5.29
CA ALA B 154 16.07 14.62 -4.01
C ALA B 154 16.51 13.67 -2.90
N ILE B 155 16.72 12.41 -3.24
CA ILE B 155 17.25 11.41 -2.32
C ILE B 155 18.67 11.77 -1.90
N ALA B 156 19.52 12.08 -2.88
CA ALA B 156 20.89 12.48 -2.65
C ALA B 156 20.96 13.68 -1.74
N GLY B 157 20.01 14.60 -1.88
CA GLY B 157 19.99 15.81 -1.07
C GLY B 157 19.34 15.65 0.30
N LEU B 158 18.31 14.83 0.40
CA LEU B 158 17.49 14.75 1.61
C LEU B 158 17.83 13.57 2.50
N ASN B 159 18.06 12.41 1.89
CA ASN B 159 18.26 11.19 2.68
C ASN B 159 19.43 11.34 3.63
N GLY B 160 19.16 11.25 4.92
CA GLY B 160 20.22 11.33 5.94
C GLY B 160 20.52 12.75 6.37
N MET B 161 19.81 13.74 5.83
CA MET B 161 19.89 15.11 6.32
C MET B 161 19.30 15.14 7.73
N GLN B 162 19.88 15.97 8.58
CA GLN B 162 19.38 16.21 9.92
C GLN B 162 18.28 17.27 9.85
N LEU B 163 17.06 16.92 10.24
CA LEU B 163 15.98 17.87 10.24
C LEU B 163 15.64 18.20 11.68
N GLY B 164 16.46 19.09 12.24
CA GLY B 164 16.47 19.35 13.67
C GLY B 164 16.69 18.08 14.48
N ASP B 165 15.59 17.55 15.01
CA ASP B 165 15.60 16.53 16.06
C ASP B 165 15.81 15.14 15.47
N LYS B 166 15.48 15.00 14.19
CA LYS B 166 15.37 13.70 13.56
C LYS B 166 16.28 13.59 12.32
N LYS B 167 16.54 12.35 11.91
CA LYS B 167 17.36 12.03 10.73
C LYS B 167 16.48 11.41 9.63
N LEU B 168 16.40 12.09 8.48
CA LEU B 168 15.44 11.75 7.43
C LEU B 168 15.78 10.52 6.59
N LEU B 169 14.77 9.67 6.37
CA LEU B 169 14.90 8.50 5.48
C LEU B 169 14.17 8.83 4.19
N VAL B 170 14.91 9.05 3.12
CA VAL B 170 14.32 9.38 1.82
C VAL B 170 14.79 8.32 0.80
N GLN B 171 13.82 7.65 0.21
CA GLN B 171 14.07 6.50 -0.67
C GLN B 171 12.80 6.18 -1.46
N ARG B 172 12.96 5.51 -2.59
CA ARG B 172 11.83 4.94 -3.33
C ARG B 172 10.94 4.07 -2.43
N ALA B 173 9.64 4.32 -2.50
CA ALA B 173 8.67 3.62 -1.69
C ALA B 173 8.58 2.17 -2.13
N SER B 174 9.02 1.93 -3.37
CA SER B 174 8.98 0.63 -4.04
C SER B 174 7.64 -0.03 -3.83
#